data_1B3N
#
_entry.id   1B3N
#
_cell.length_a   76.394
_cell.length_b   76.394
_cell.length_c   147.675
_cell.angle_alpha   90.00
_cell.angle_beta   90.00
_cell.angle_gamma   120.00
#
_symmetry.space_group_name_H-M   'P 31 2 1'
#
loop_
_entity.id
_entity.type
_entity.pdbx_description
1 polymer 'PROTEIN (KETOACYL ACYL CARRIER PROTEIN SYNTHASE 2)'
2 non-polymer '(2S, 3R)-3-HYDROXY-4-OXO-7,10-TRANS,TRANS-DODECADIENAMIDE'
3 water water
#
_entity_poly.entity_id   1
_entity_poly.type   'polypeptide(L)'
_entity_poly.pdbx_seq_one_letter_code
;SKRRVVVTGLGMLSPVGNTVESTWKALLAGQSGISLIDHFDTSAYATKFAGLVKDFNCEDIISRKEQRKMDAFIQYGIVA
GVQAMQDSGLEITEENATRIGAAIGSGIGGLGLIEENHTSLMNGGPRKISPFFVPSTIVNMVAGHLTIMYGLRGPSISIA
TACTSGVHNIGHAARIIAYGDADVMVAGGAEKASTPLGVGGFGAARALSTRNDNPQAASRPWDKERDGFVLGDGAGMLVL
EEYEHAKKRGAKIYAELVGFGMSSDAYHMTSPPENGAGAALAMANALRDAGIEASQIGYVNAHGTSTPAGDKAEAQAVKT
IFGEAASRVLVSSTKSMTGHLLGAAGAVESIYSILALRDQAVPPTINLDNPDEGCDLDFVPHEARQVSGMEYTLCNSFGF
GGTNGSLIFKKI
;
_entity_poly.pdbx_strand_id   A
#
loop_
_chem_comp.id
_chem_comp.type
_chem_comp.name
_chem_comp.formula
CER non-polymer '(2S, 3R)-3-HYDROXY-4-OXO-7,10-TRANS,TRANS-DODECADIENAMIDE' 'C12 H19 N O3'
#
# COMPACT_ATOMS: atom_id res chain seq x y z
N LYS A 2 28.27 -5.99 -4.04
CA LYS A 2 26.89 -5.47 -4.27
C LYS A 2 25.84 -6.38 -3.63
N ARG A 3 24.90 -5.78 -2.92
CA ARG A 3 23.88 -6.56 -2.22
C ARG A 3 22.52 -6.52 -2.89
N ARG A 4 22.04 -7.72 -3.24
CA ARG A 4 20.77 -7.88 -3.90
C ARG A 4 19.69 -8.24 -2.89
N VAL A 5 18.60 -7.48 -2.90
CA VAL A 5 17.53 -7.70 -1.93
C VAL A 5 16.41 -8.51 -2.57
N VAL A 6 15.94 -9.51 -1.85
CA VAL A 6 14.87 -10.38 -2.33
C VAL A 6 13.74 -10.46 -1.31
N VAL A 7 12.53 -10.74 -1.78
CA VAL A 7 11.34 -10.78 -0.92
C VAL A 7 11.02 -12.21 -0.53
N THR A 8 11.32 -12.56 0.71
CA THR A 8 11.11 -13.90 1.21
C THR A 8 9.90 -14.08 2.11
N GLY A 9 8.95 -13.17 2.15
CA GLY A 9 7.82 -13.34 3.06
C GLY A 9 6.76 -12.28 2.84
N LEU A 10 5.52 -12.72 2.74
CA LEU A 10 4.38 -11.85 2.50
C LEU A 10 3.33 -11.96 3.60
N GLY A 11 2.64 -10.87 3.89
CA GLY A 11 1.60 -10.87 4.94
C GLY A 11 0.60 -9.75 4.67
N MET A 12 -0.71 -9.99 4.91
CA MET A 12 -1.62 -8.88 4.59
C MET A 12 -3.05 -8.97 5.03
N LEU A 13 -3.57 -7.82 5.44
CA LEU A 13 -4.99 -7.65 5.77
C LEU A 13 -5.55 -6.65 4.75
N SER A 14 -6.71 -6.92 4.21
CA SER A 14 -7.29 -6.01 3.22
C SER A 14 -8.80 -6.19 3.17
N PRO A 15 -9.47 -5.26 2.53
CA PRO A 15 -10.91 -5.26 2.38
C PRO A 15 -11.47 -6.46 1.66
N VAL A 16 -10.71 -7.11 0.78
CA VAL A 16 -11.19 -8.27 0.05
C VAL A 16 -10.67 -9.56 0.69
N GLY A 17 -9.82 -9.47 1.70
CA GLY A 17 -9.32 -10.70 2.29
C GLY A 17 -8.44 -10.47 3.52
N ASN A 18 -8.38 -11.45 4.40
CA ASN A 18 -7.59 -11.36 5.63
C ASN A 18 -6.26 -12.05 5.49
N THR A 19 -6.01 -12.71 4.36
CA THR A 19 -4.72 -13.34 4.13
C THR A 19 -4.24 -12.97 2.72
N VAL A 20 -2.99 -13.30 2.44
CA VAL A 20 -2.44 -12.96 1.13
C VAL A 20 -3.17 -13.70 0.02
N GLU A 21 -3.12 -15.03 0.06
CA GLU A 21 -3.78 -15.83 -0.97
C GLU A 21 -5.24 -15.52 -1.15
N SER A 22 -6.02 -15.33 -0.08
CA SER A 22 -7.46 -15.10 -0.27
C SER A 22 -7.67 -13.81 -1.05
N THR A 23 -6.99 -12.76 -0.60
CA THR A 23 -7.06 -11.45 -1.22
C THR A 23 -6.76 -11.54 -2.71
N TRP A 24 -5.66 -12.22 -3.04
CA TRP A 24 -5.24 -12.43 -4.41
C TRP A 24 -6.29 -13.13 -5.27
N LYS A 25 -7.03 -14.10 -4.72
CA LYS A 25 -8.08 -14.77 -5.47
C LYS A 25 -9.22 -13.78 -5.73
N ALA A 26 -9.61 -13.05 -4.70
CA ALA A 26 -10.66 -12.05 -4.85
C ALA A 26 -10.32 -11.01 -5.91
N LEU A 27 -9.08 -10.53 -5.94
CA LEU A 27 -8.70 -9.54 -6.95
C LEU A 27 -8.80 -10.13 -8.35
N LEU A 28 -8.25 -11.33 -8.54
CA LEU A 28 -8.27 -11.98 -9.85
C LEU A 28 -9.68 -12.31 -10.30
N ALA A 29 -10.60 -12.56 -9.36
CA ALA A 29 -11.99 -12.81 -9.68
C ALA A 29 -12.81 -11.54 -9.74
N GLY A 30 -12.18 -10.37 -9.75
CA GLY A 30 -12.81 -9.09 -9.82
C GLY A 30 -13.82 -8.78 -8.74
N GLN A 31 -13.60 -9.28 -7.53
CA GLN A 31 -14.50 -9.00 -6.40
C GLN A 31 -14.24 -7.60 -5.84
N SER A 32 -15.27 -6.98 -5.27
CA SER A 32 -15.10 -5.67 -4.65
C SER A 32 -15.14 -5.82 -3.13
N GLY A 33 -14.48 -4.92 -2.41
CA GLY A 33 -14.49 -5.00 -0.95
C GLY A 33 -15.23 -3.82 -0.34
N ILE A 34 -15.76 -2.96 -1.20
CA ILE A 34 -16.46 -1.76 -0.77
C ILE A 34 -17.81 -2.07 -0.15
N SER A 35 -18.12 -1.32 0.92
CA SER A 35 -19.33 -1.55 1.67
C SER A 35 -19.78 -0.33 2.45
N LEU A 36 -21.01 -0.41 2.96
CA LEU A 36 -21.55 0.68 3.75
C LEU A 36 -20.92 0.66 5.14
N ILE A 37 -20.54 1.86 5.58
CA ILE A 37 -19.94 2.04 6.90
C ILE A 37 -21.04 1.87 7.93
N ASP A 38 -20.84 1.11 9.00
CA ASP A 38 -21.91 0.98 9.99
C ASP A 38 -21.41 1.21 11.40
N HIS A 39 -20.14 1.59 11.57
CA HIS A 39 -19.59 1.80 12.91
C HIS A 39 -19.74 3.24 13.40
N PHE A 40 -20.33 4.12 12.60
CA PHE A 40 -20.59 5.49 13.03
C PHE A 40 -21.76 6.03 12.19
N ASP A 41 -22.56 6.91 12.76
CA ASP A 41 -23.72 7.43 12.01
C ASP A 41 -23.23 8.23 10.81
N THR A 42 -23.61 7.85 9.60
CA THR A 42 -23.14 8.54 8.39
C THR A 42 -24.20 9.42 7.75
N SER A 43 -25.31 9.63 8.43
CA SER A 43 -26.43 10.41 7.93
C SER A 43 -26.03 11.78 7.43
N ALA A 44 -25.19 12.50 8.17
CA ALA A 44 -24.77 13.83 7.71
C ALA A 44 -23.60 13.77 6.74
N TYR A 45 -23.06 12.59 6.42
CA TYR A 45 -21.88 12.48 5.58
C TYR A 45 -22.20 12.31 4.11
N ALA A 46 -21.35 12.85 3.26
CA ALA A 46 -21.52 12.79 1.81
C ALA A 46 -21.01 11.48 1.22
N THR A 47 -20.25 10.74 1.98
CA THR A 47 -19.77 9.42 1.60
C THR A 47 -20.15 8.49 2.76
N LYS A 48 -20.86 7.42 2.45
CA LYS A 48 -21.33 6.51 3.48
C LYS A 48 -20.72 5.13 3.33
N PHE A 49 -19.68 5.04 2.50
CA PHE A 49 -19.06 3.75 2.27
C PHE A 49 -17.53 3.78 2.21
N ALA A 50 -16.93 2.62 2.41
CA ALA A 50 -15.49 2.46 2.37
C ALA A 50 -15.09 1.01 2.14
N GLY A 51 -13.78 0.80 2.05
CA GLY A 51 -13.25 -0.57 1.94
C GLY A 51 -12.81 -0.91 3.39
N LEU A 52 -13.62 -1.69 4.07
CA LEU A 52 -13.34 -2.07 5.45
C LEU A 52 -12.86 -3.51 5.58
N VAL A 53 -12.02 -3.76 6.58
CA VAL A 53 -11.50 -5.10 6.86
C VAL A 53 -12.59 -5.85 7.61
N LYS A 54 -13.10 -6.93 7.02
CA LYS A 54 -14.22 -7.66 7.58
C LYS A 54 -13.87 -8.87 8.44
N ASP A 55 -14.60 -8.99 9.54
CA ASP A 55 -14.43 -10.05 10.52
C ASP A 55 -12.97 -10.28 10.84
N PHE A 56 -12.38 -9.27 11.48
CA PHE A 56 -10.95 -9.31 11.79
C PHE A 56 -10.74 -9.86 13.20
N ASN A 57 -9.95 -10.91 13.30
CA ASN A 57 -9.60 -11.50 14.60
C ASN A 57 -8.12 -11.22 14.87
N CYS A 58 -7.78 -11.04 16.14
CA CYS A 58 -6.39 -10.77 16.49
C CYS A 58 -6.07 -11.35 17.86
N GLU A 59 -7.10 -11.83 18.54
CA GLU A 59 -7.03 -12.40 19.88
C GLU A 59 -5.96 -13.47 20.03
N ASP A 60 -5.76 -14.30 19.02
CA ASP A 60 -4.73 -15.31 19.02
C ASP A 60 -3.33 -14.66 19.05
N ILE A 61 -3.17 -13.53 18.40
CA ILE A 61 -1.92 -12.80 18.30
C ILE A 61 -1.77 -11.71 19.35
N ILE A 62 -2.80 -10.91 19.54
CA ILE A 62 -2.79 -9.83 20.52
C ILE A 62 -3.86 -10.07 21.58
N SER A 63 -3.48 -10.00 22.84
CA SER A 63 -4.41 -10.19 23.95
C SER A 63 -5.31 -8.99 24.17
N ARG A 64 -6.49 -9.21 24.75
CA ARG A 64 -7.44 -8.14 25.02
C ARG A 64 -6.89 -7.08 25.96
N LYS A 65 -5.98 -7.44 26.85
CA LYS A 65 -5.36 -6.47 27.74
C LYS A 65 -4.36 -5.62 26.96
N GLU A 66 -3.78 -6.19 25.90
CA GLU A 66 -2.82 -5.48 25.07
C GLU A 66 -3.47 -4.73 23.91
N GLN A 67 -4.70 -5.09 23.59
CA GLN A 67 -5.48 -4.47 22.54
C GLN A 67 -5.80 -3.01 22.84
N ARG A 68 -6.02 -2.70 24.10
CA ARG A 68 -6.36 -1.41 24.65
C ARG A 68 -5.26 -0.37 24.60
N LYS A 69 -4.03 -0.75 24.29
CA LYS A 69 -2.93 0.20 24.19
C LYS A 69 -2.60 0.51 22.74
N MET A 70 -3.54 0.21 21.85
CA MET A 70 -3.31 0.12 20.43
C MET A 70 -4.43 0.62 19.54
N ASP A 71 -4.10 1.53 18.63
CA ASP A 71 -5.15 1.93 17.68
C ASP A 71 -5.26 0.81 16.65
N ALA A 72 -6.42 0.66 16.02
CA ALA A 72 -6.66 -0.35 15.01
C ALA A 72 -5.59 -0.38 13.93
N PHE A 73 -5.03 0.75 13.51
CA PHE A 73 -3.98 0.70 12.49
C PHE A 73 -2.78 -0.11 12.96
N ILE A 74 -2.38 0.01 14.23
CA ILE A 74 -1.29 -0.80 14.77
C ILE A 74 -1.71 -2.27 14.81
N GLN A 75 -2.96 -2.52 15.21
CA GLN A 75 -3.47 -3.89 15.28
C GLN A 75 -3.33 -4.60 13.95
N TYR A 76 -3.74 -3.94 12.87
CA TYR A 76 -3.64 -4.44 11.52
C TYR A 76 -2.17 -4.71 11.15
N GLY A 77 -1.30 -3.73 11.39
CA GLY A 77 0.10 -3.83 11.07
C GLY A 77 0.76 -5.04 11.69
N ILE A 78 0.58 -5.24 12.99
CA ILE A 78 1.12 -6.39 13.71
C ILE A 78 0.65 -7.70 13.11
N VAL A 79 -0.67 -7.91 13.05
CA VAL A 79 -1.24 -9.14 12.51
C VAL A 79 -0.65 -9.44 11.14
N ALA A 80 -0.61 -8.46 10.25
CA ALA A 80 -0.01 -8.66 8.93
C ALA A 80 1.48 -8.90 9.03
N GLY A 81 2.15 -8.29 10.01
CA GLY A 81 3.57 -8.48 10.20
C GLY A 81 3.86 -9.92 10.61
N VAL A 82 3.05 -10.42 11.56
CA VAL A 82 3.19 -11.81 12.01
C VAL A 82 3.11 -12.74 10.81
N GLN A 83 2.06 -12.58 10.01
CA GLN A 83 1.88 -13.33 8.78
C GLN A 83 3.18 -13.35 7.98
N ALA A 84 3.74 -12.18 7.73
CA ALA A 84 4.97 -12.05 6.94
C ALA A 84 6.12 -12.79 7.58
N MET A 85 6.24 -12.74 8.90
CA MET A 85 7.31 -13.45 9.59
C MET A 85 7.09 -14.95 9.48
N GLN A 86 5.84 -15.38 9.69
CA GLN A 86 5.52 -16.80 9.61
C GLN A 86 5.81 -17.31 8.21
N ASP A 87 5.33 -16.60 7.19
CA ASP A 87 5.63 -16.94 5.81
C ASP A 87 7.13 -16.97 5.54
N SER A 88 7.89 -16.08 6.16
CA SER A 88 9.33 -16.01 5.95
C SER A 88 10.05 -17.25 6.48
N GLY A 89 9.61 -17.74 7.63
CA GLY A 89 10.21 -18.87 8.30
C GLY A 89 11.52 -18.54 8.99
N LEU A 90 11.88 -17.27 9.09
CA LEU A 90 13.12 -16.87 9.75
C LEU A 90 13.11 -17.34 11.20
N GLU A 91 14.28 -17.73 11.68
CA GLU A 91 14.43 -17.97 13.11
C GLU A 91 15.34 -16.88 13.69
N ILE A 92 14.84 -16.18 14.70
CA ILE A 92 15.65 -15.11 15.29
C ILE A 92 16.44 -15.67 16.45
N THR A 93 17.75 -15.50 16.39
CA THR A 93 18.64 -15.96 17.44
C THR A 93 19.42 -14.78 18.00
N GLU A 94 20.11 -14.96 19.13
CA GLU A 94 20.89 -13.88 19.72
C GLU A 94 21.98 -13.43 18.74
N GLU A 95 22.45 -14.36 17.92
CA GLU A 95 23.42 -14.14 16.88
C GLU A 95 22.78 -13.54 15.63
N ASN A 96 21.48 -13.29 15.67
CA ASN A 96 20.71 -12.78 14.56
C ASN A 96 20.07 -11.43 14.82
N ALA A 97 19.43 -11.28 15.97
CA ALA A 97 18.66 -10.11 16.36
C ALA A 97 19.16 -8.79 15.78
N THR A 98 20.39 -8.44 15.98
CA THR A 98 21.10 -7.27 15.55
C THR A 98 21.05 -6.95 14.08
N ARG A 99 20.89 -7.93 13.21
CA ARG A 99 20.86 -7.70 11.77
C ARG A 99 19.48 -7.64 11.15
N ILE A 100 18.43 -7.83 11.92
CA ILE A 100 17.06 -7.79 11.43
C ILE A 100 16.36 -6.53 11.94
N GLY A 101 15.76 -5.75 11.05
CA GLY A 101 15.08 -4.52 11.47
C GLY A 101 13.67 -4.41 10.92
N ALA A 102 13.12 -3.20 10.94
CA ALA A 102 11.76 -2.94 10.46
C ALA A 102 11.65 -1.57 9.82
N ALA A 103 10.77 -1.45 8.84
CA ALA A 103 10.57 -0.18 8.13
C ALA A 103 9.09 -0.08 7.73
N ILE A 104 8.27 0.24 8.74
CA ILE A 104 6.83 0.27 8.59
C ILE A 104 6.32 1.69 8.85
N GLY A 105 5.45 2.19 7.98
CA GLY A 105 4.86 3.49 8.16
C GLY A 105 3.34 3.46 8.09
N SER A 106 2.75 4.65 8.06
CA SER A 106 1.34 4.91 7.97
C SER A 106 1.18 6.36 7.49
N GLY A 107 0.08 6.70 6.86
CA GLY A 107 -0.14 8.05 6.39
C GLY A 107 -0.44 8.96 7.59
N ILE A 108 -1.43 8.62 8.42
CA ILE A 108 -1.81 9.44 9.56
C ILE A 108 -1.81 8.68 10.89
N GLY A 109 -1.70 7.36 10.86
CA GLY A 109 -1.66 6.59 12.10
C GLY A 109 -3.02 6.59 12.80
N GLY A 110 -3.00 6.70 14.13
CA GLY A 110 -4.12 6.40 14.95
C GLY A 110 -5.23 7.40 15.09
N LEU A 111 -5.89 7.76 13.98
CA LEU A 111 -7.02 8.68 14.02
C LEU A 111 -8.12 8.27 14.98
N GLY A 112 -8.43 6.98 15.06
CA GLY A 112 -9.46 6.47 15.93
C GLY A 112 -9.26 6.87 17.38
N LEU A 113 -8.07 6.59 17.91
CA LEU A 113 -7.77 6.86 19.29
C LEU A 113 -7.55 8.34 19.56
N ILE A 114 -7.16 9.12 18.55
CA ILE A 114 -7.01 10.55 18.75
C ILE A 114 -8.39 11.17 18.97
N GLU A 115 -9.34 10.75 18.13
CA GLU A 115 -10.70 11.29 18.26
C GLU A 115 -11.33 10.92 19.59
N GLU A 116 -11.11 9.67 20.01
CA GLU A 116 -11.62 9.16 21.28
C GLU A 116 -11.03 9.95 22.44
N ASN A 117 -9.71 10.08 22.47
CA ASN A 117 -9.07 10.82 23.58
C ASN A 117 -9.53 12.26 23.63
N HIS A 118 -9.55 12.94 22.48
CA HIS A 118 -10.00 14.31 22.38
C HIS A 118 -11.44 14.48 22.87
N THR A 119 -12.31 13.53 22.56
CA THR A 119 -13.68 13.50 23.05
C THR A 119 -13.70 13.46 24.57
N SER A 120 -12.97 12.51 25.15
CA SER A 120 -12.86 12.41 26.59
C SER A 120 -12.36 13.71 27.20
N LEU A 121 -11.36 14.34 26.58
CA LEU A 121 -10.82 15.59 27.09
C LEU A 121 -11.86 16.70 26.99
N MET A 122 -12.67 16.68 25.95
CA MET A 122 -13.67 17.72 25.78
C MET A 122 -14.78 17.56 26.82
N ASN A 123 -15.07 16.32 27.18
CA ASN A 123 -16.13 16.02 28.11
C ASN A 123 -15.72 15.75 29.54
N GLY A 124 -14.45 15.58 29.86
CA GLY A 124 -14.04 15.28 31.22
C GLY A 124 -12.75 15.94 31.65
N GLY A 125 -12.14 16.76 30.81
CA GLY A 125 -10.87 17.40 31.15
C GLY A 125 -9.71 16.44 30.90
N PRO A 126 -8.48 16.90 31.14
CA PRO A 126 -7.28 16.14 30.93
C PRO A 126 -7.07 14.91 31.78
N ARG A 127 -7.86 14.63 32.80
CA ARG A 127 -7.66 13.44 33.63
C ARG A 127 -8.34 12.23 33.00
N LYS A 128 -9.15 12.46 31.97
CA LYS A 128 -9.83 11.37 31.29
C LYS A 128 -9.05 10.92 30.05
N ILE A 129 -7.90 11.53 29.77
CA ILE A 129 -7.09 11.10 28.65
C ILE A 129 -6.34 9.81 29.00
N SER A 130 -6.49 8.77 28.19
CA SER A 130 -5.75 7.54 28.40
C SER A 130 -4.26 7.77 28.58
N PRO A 131 -3.64 6.99 29.46
CA PRO A 131 -2.21 6.98 29.64
C PRO A 131 -1.49 6.43 28.42
N PHE A 132 -2.15 5.69 27.53
CA PHE A 132 -1.53 5.20 26.32
C PHE A 132 -1.81 6.07 25.10
N PHE A 133 -2.42 7.23 25.27
CA PHE A 133 -2.73 8.09 24.14
C PHE A 133 -1.58 8.19 23.15
N VAL A 134 -0.41 8.60 23.61
CA VAL A 134 0.72 8.78 22.70
C VAL A 134 1.18 7.55 21.97
N PRO A 135 1.61 6.50 22.67
CA PRO A 135 2.13 5.28 22.06
C PRO A 135 1.11 4.44 21.32
N SER A 136 -0.17 4.76 21.48
CA SER A 136 -1.23 4.02 20.82
C SER A 136 -1.61 4.66 19.50
N THR A 137 -1.13 5.86 19.23
CA THR A 137 -1.46 6.59 18.02
C THR A 137 -0.30 6.92 17.10
N ILE A 138 0.89 7.17 17.66
CA ILE A 138 1.98 7.65 16.81
C ILE A 138 2.33 6.60 15.78
N VAL A 139 2.56 7.05 14.58
CA VAL A 139 2.87 6.29 13.40
C VAL A 139 3.91 5.22 13.55
N ASN A 140 4.94 5.31 14.37
CA ASN A 140 6.03 4.35 14.36
C ASN A 140 5.81 3.15 15.25
N MET A 141 4.70 3.10 15.97
CA MET A 141 4.42 2.01 16.91
C MET A 141 4.14 0.66 16.27
N VAL A 142 3.94 0.56 14.96
CA VAL A 142 3.75 -0.74 14.34
C VAL A 142 5.11 -1.44 14.35
N ALA A 143 6.14 -0.69 13.96
CA ALA A 143 7.50 -1.25 13.96
C ALA A 143 7.98 -1.46 15.40
N GLY A 144 7.55 -0.59 16.31
CA GLY A 144 7.93 -0.70 17.71
C GLY A 144 7.49 -2.03 18.27
N HIS A 145 6.17 -2.30 18.21
CA HIS A 145 5.66 -3.55 18.73
C HIS A 145 6.24 -4.75 18.01
N LEU A 146 6.43 -4.69 16.68
CA LEU A 146 6.96 -5.87 16.00
C LEU A 146 8.37 -6.16 16.46
N THR A 147 9.22 -5.13 16.51
CA THR A 147 10.60 -5.34 16.96
C THR A 147 10.59 -6.03 18.32
N ILE A 148 9.90 -5.47 19.30
CA ILE A 148 9.78 -6.08 20.62
C ILE A 148 9.31 -7.53 20.51
N MET A 149 8.16 -7.77 19.91
CA MET A 149 7.62 -9.10 19.74
C MET A 149 8.64 -10.11 19.23
N TYR A 150 9.40 -9.84 18.19
CA TYR A 150 10.33 -10.81 17.64
C TYR A 150 11.77 -10.58 18.10
N GLY A 151 11.97 -9.63 19.01
CA GLY A 151 13.30 -9.30 19.47
C GLY A 151 14.20 -8.79 18.35
N LEU A 152 13.70 -7.86 17.55
CA LEU A 152 14.51 -7.29 16.46
C LEU A 152 15.34 -6.11 16.97
N ARG A 153 16.65 -6.14 16.69
CA ARG A 153 17.54 -5.09 17.19
C ARG A 153 18.18 -4.30 16.05
N GLY A 154 17.84 -4.62 14.81
CA GLY A 154 18.42 -3.85 13.71
C GLY A 154 17.71 -2.50 13.58
N PRO A 155 18.00 -1.80 12.49
CA PRO A 155 17.38 -0.52 12.19
C PRO A 155 15.86 -0.50 12.25
N SER A 156 15.32 0.55 12.82
CA SER A 156 13.90 0.75 13.01
C SER A 156 13.43 2.10 12.49
N ILE A 157 13.01 2.23 11.25
CA ILE A 157 12.49 3.50 10.78
C ILE A 157 11.01 3.39 10.39
N SER A 158 10.40 4.54 10.16
CA SER A 158 9.01 4.66 9.76
C SER A 158 8.83 5.91 8.87
N ILE A 159 8.57 5.70 7.59
CA ILE A 159 8.36 6.83 6.69
C ILE A 159 6.88 7.17 6.58
N ALA A 160 6.55 8.44 6.76
CA ALA A 160 5.18 8.90 6.70
C ALA A 160 5.01 9.94 5.60
N THR A 161 4.82 9.44 4.37
CA THR A 161 4.67 10.30 3.21
C THR A 161 3.30 10.14 2.57
N ALA A 162 2.24 10.26 3.38
CA ALA A 162 0.88 10.17 2.86
C ALA A 162 0.72 8.86 2.09
N CYS A 163 0.11 8.91 0.91
CA CYS A 163 -0.11 7.73 0.09
C CYS A 163 1.14 7.13 -0.54
N THR A 164 2.30 7.72 -0.35
CA THR A 164 3.52 7.12 -0.89
C THR A 164 4.21 6.30 0.19
N SER A 165 3.75 6.43 1.42
CA SER A 165 4.32 5.72 2.55
C SER A 165 4.66 4.27 2.23
N GLY A 166 3.68 3.51 1.76
CA GLY A 166 3.88 2.11 1.42
C GLY A 166 5.12 1.85 0.58
N VAL A 167 5.25 2.61 -0.51
CA VAL A 167 6.38 2.43 -1.42
C VAL A 167 7.68 2.87 -0.78
N HIS A 168 7.69 4.02 -0.12
CA HIS A 168 8.90 4.51 0.51
C HIS A 168 9.46 3.55 1.55
N ASN A 169 8.63 2.95 2.40
CA ASN A 169 9.15 2.05 3.44
C ASN A 169 9.84 0.83 2.84
N ILE A 170 9.27 0.27 1.78
CA ILE A 170 9.87 -0.85 1.06
C ILE A 170 11.17 -0.36 0.42
N GLY A 171 11.13 0.75 -0.29
CA GLY A 171 12.31 1.33 -0.89
C GLY A 171 13.50 1.43 0.06
N HIS A 172 13.32 2.13 1.18
CA HIS A 172 14.42 2.37 2.12
C HIS A 172 14.79 1.13 2.89
N ALA A 173 13.85 0.19 3.01
CA ALA A 173 14.20 -1.05 3.71
C ALA A 173 15.25 -1.78 2.87
N ALA A 174 15.08 -1.81 1.55
CA ALA A 174 16.04 -2.41 0.65
C ALA A 174 17.37 -1.67 0.67
N ARG A 175 17.26 -0.34 0.57
CA ARG A 175 18.45 0.52 0.60
C ARG A 175 19.25 0.21 1.86
N ILE A 176 18.59 0.26 3.02
CA ILE A 176 19.26 -0.12 4.26
C ILE A 176 19.99 -1.44 4.09
N ILE A 177 19.30 -2.48 3.64
CA ILE A 177 19.90 -3.80 3.48
C ILE A 177 21.11 -3.74 2.54
N ALA A 178 20.92 -3.20 1.35
CA ALA A 178 21.97 -2.98 0.39
C ALA A 178 23.18 -2.30 1.00
N TYR A 179 22.96 -1.27 1.81
CA TYR A 179 24.03 -0.53 2.45
C TYR A 179 24.84 -1.40 3.40
N GLY A 180 24.22 -2.35 4.08
CA GLY A 180 24.93 -3.18 5.04
C GLY A 180 24.49 -3.01 6.48
N ASP A 181 23.50 -2.15 6.73
CA ASP A 181 23.03 -1.89 8.09
C ASP A 181 22.14 -3.02 8.60
N ALA A 182 21.59 -3.81 7.67
CA ALA A 182 20.71 -4.91 8.02
C ALA A 182 20.77 -6.01 6.95
N ASP A 183 20.34 -7.20 7.36
CA ASP A 183 20.31 -8.34 6.45
C ASP A 183 18.86 -8.69 6.09
N VAL A 184 17.98 -8.53 7.08
CA VAL A 184 16.55 -8.74 6.92
C VAL A 184 15.82 -7.49 7.42
N MET A 185 14.78 -7.08 6.69
CA MET A 185 13.96 -5.94 7.05
C MET A 185 12.49 -6.28 6.89
N VAL A 186 11.66 -6.03 7.89
CA VAL A 186 10.21 -6.18 7.74
C VAL A 186 9.67 -4.84 7.25
N ALA A 187 9.04 -4.77 6.09
CA ALA A 187 8.60 -3.46 5.61
C ALA A 187 7.19 -3.42 5.07
N GLY A 188 6.56 -2.25 5.21
CA GLY A 188 5.20 -2.12 4.65
C GLY A 188 4.50 -0.94 5.28
N GLY A 189 3.17 -0.95 5.23
CA GLY A 189 2.44 0.15 5.84
C GLY A 189 1.10 -0.34 6.35
N ALA A 190 0.50 0.41 7.26
CA ALA A 190 -0.82 0.04 7.78
C ALA A 190 -1.63 1.34 7.89
N GLU A 191 -2.93 1.25 7.61
CA GLU A 191 -3.76 2.43 7.70
C GLU A 191 -5.18 2.05 8.12
N LYS A 192 -5.81 2.94 8.86
CA LYS A 192 -7.20 2.77 9.28
C LYS A 192 -7.80 4.15 9.53
N ALA A 193 -8.09 4.82 8.40
CA ALA A 193 -8.61 6.17 8.45
C ALA A 193 -10.10 6.21 8.24
N SER A 194 -10.80 5.08 8.15
CA SER A 194 -12.26 5.12 7.99
C SER A 194 -12.94 5.51 9.29
N THR A 195 -12.75 6.76 9.71
CA THR A 195 -13.27 7.32 10.93
C THR A 195 -13.93 8.64 10.57
N PRO A 196 -14.79 9.14 11.45
CA PRO A 196 -15.46 10.41 11.20
C PRO A 196 -14.54 11.47 10.63
N LEU A 197 -13.44 11.80 11.28
CA LEU A 197 -12.49 12.80 10.87
C LEU A 197 -11.78 12.49 9.57
N GLY A 198 -11.54 11.22 9.29
CA GLY A 198 -10.88 10.84 8.03
C GLY A 198 -11.88 10.89 6.90
N VAL A 199 -13.11 10.43 7.17
CA VAL A 199 -14.12 10.48 6.09
C VAL A 199 -14.56 11.93 5.91
N GLY A 200 -14.98 12.56 7.00
CA GLY A 200 -15.34 13.98 6.93
C GLY A 200 -14.22 14.78 6.26
N GLY A 201 -13.01 14.73 6.79
CA GLY A 201 -11.88 15.46 6.29
C GLY A 201 -11.63 15.38 4.81
N PHE A 202 -11.63 14.18 4.23
CA PHE A 202 -11.43 14.06 2.79
C PHE A 202 -12.68 14.56 2.05
N GLY A 203 -13.84 14.43 2.69
CA GLY A 203 -15.09 14.95 2.14
C GLY A 203 -14.99 16.47 2.02
N ALA A 204 -14.49 17.09 3.08
CA ALA A 204 -14.31 18.52 3.15
C ALA A 204 -13.52 19.04 1.95
N ALA A 205 -12.52 18.32 1.49
CA ALA A 205 -11.69 18.65 0.36
C ALA A 205 -12.34 18.29 -0.97
N ARG A 206 -13.44 17.55 -0.92
CA ARG A 206 -14.18 17.14 -2.11
C ARG A 206 -13.41 16.12 -2.94
N ALA A 207 -12.67 15.27 -2.26
CA ALA A 207 -11.77 14.31 -2.87
C ALA A 207 -12.37 12.91 -2.95
N LEU A 208 -13.50 12.68 -2.30
CA LEU A 208 -14.05 11.33 -2.27
C LEU A 208 -15.25 11.17 -3.20
N SER A 209 -15.42 9.94 -3.70
CA SER A 209 -16.58 9.64 -4.53
C SER A 209 -17.83 9.68 -3.66
N THR A 210 -18.97 9.91 -4.31
CA THR A 210 -20.22 10.18 -3.55
C THR A 210 -21.32 9.28 -4.04
N ARG A 211 -20.91 8.26 -4.81
CA ARG A 211 -21.84 7.29 -5.38
C ARG A 211 -22.36 6.31 -4.36
N ASN A 212 -23.19 6.76 -3.42
CA ASN A 212 -23.74 5.92 -2.38
C ASN A 212 -24.82 4.98 -2.85
N ASP A 213 -25.37 5.17 -4.05
CA ASP A 213 -26.42 4.30 -4.57
C ASP A 213 -25.85 3.01 -5.14
N ASN A 214 -24.58 3.01 -5.47
CA ASN A 214 -23.88 1.82 -5.94
C ASN A 214 -22.43 1.82 -5.45
N PRO A 215 -22.24 1.50 -4.17
CA PRO A 215 -20.94 1.56 -3.52
C PRO A 215 -19.85 0.80 -4.23
N GLN A 216 -20.13 -0.39 -4.75
CA GLN A 216 -19.16 -1.21 -5.44
C GLN A 216 -18.80 -0.69 -6.83
N ALA A 217 -19.50 0.33 -7.33
CA ALA A 217 -19.23 0.87 -8.66
C ALA A 217 -18.60 2.24 -8.57
N ALA A 218 -18.53 2.75 -7.35
CA ALA A 218 -17.98 4.06 -7.03
C ALA A 218 -16.56 4.25 -7.57
N SER A 219 -15.70 3.30 -7.24
CA SER A 219 -14.30 3.35 -7.63
C SER A 219 -14.16 2.94 -9.08
N ARG A 220 -13.82 3.89 -9.96
CA ARG A 220 -13.69 3.53 -11.39
C ARG A 220 -12.55 4.25 -12.09
N PRO A 221 -11.31 3.86 -11.80
CA PRO A 221 -10.15 4.48 -12.38
C PRO A 221 -10.19 4.60 -13.89
N TRP A 222 -10.03 5.82 -14.38
CA TRP A 222 -9.99 6.19 -15.77
C TRP A 222 -11.33 6.25 -16.49
N ASP A 223 -12.39 5.79 -15.85
CA ASP A 223 -13.74 5.90 -16.39
C ASP A 223 -14.14 7.37 -16.48
N LYS A 224 -15.01 7.66 -17.43
CA LYS A 224 -15.52 8.99 -17.68
C LYS A 224 -16.37 9.52 -16.52
N GLU A 225 -16.94 8.63 -15.71
CA GLU A 225 -17.77 9.05 -14.61
C GLU A 225 -17.09 9.00 -13.25
N ARG A 226 -15.78 9.07 -13.20
CA ARG A 226 -15.02 9.17 -11.96
C ARG A 226 -15.48 10.38 -11.13
N ASP A 227 -15.56 10.28 -9.82
CA ASP A 227 -15.92 11.44 -9.01
C ASP A 227 -15.08 11.54 -7.76
N GLY A 228 -14.02 10.73 -7.63
CA GLY A 228 -13.22 10.80 -6.40
C GLY A 228 -12.75 9.42 -5.98
N PHE A 229 -11.71 9.34 -5.16
CA PHE A 229 -11.20 8.04 -4.74
C PHE A 229 -12.13 7.45 -3.69
N VAL A 230 -11.96 6.16 -3.43
CA VAL A 230 -12.73 5.43 -2.43
C VAL A 230 -11.78 4.96 -1.33
N LEU A 231 -12.13 5.33 -0.11
CA LEU A 231 -11.31 5.10 1.08
C LEU A 231 -11.31 3.62 1.46
N GLY A 232 -10.15 3.09 1.86
CA GLY A 232 -10.08 1.69 2.27
C GLY A 232 -9.07 1.48 3.37
N ASP A 233 -9.37 0.60 4.33
CA ASP A 233 -8.43 0.27 5.40
C ASP A 233 -7.68 -1.03 5.12
N GLY A 234 -6.54 -1.21 5.80
CA GLY A 234 -5.81 -2.44 5.66
C GLY A 234 -4.33 -2.33 5.96
N ALA A 235 -3.59 -3.40 5.65
CA ALA A 235 -2.15 -3.42 5.87
C ALA A 235 -1.52 -4.53 5.03
N GLY A 236 -0.34 -4.25 4.54
CA GLY A 236 0.43 -5.18 3.75
C GLY A 236 1.89 -5.12 4.21
N MET A 237 2.41 -6.29 4.60
CA MET A 237 3.78 -6.38 5.07
C MET A 237 4.60 -7.28 4.17
N LEU A 238 5.84 -6.90 3.93
CA LEU A 238 6.80 -7.63 3.14
C LEU A 238 8.02 -7.96 4.04
N VAL A 239 8.66 -9.08 3.79
CA VAL A 239 9.93 -9.38 4.43
C VAL A 239 11.01 -9.26 3.33
N LEU A 240 11.91 -8.30 3.50
CA LEU A 240 12.98 -8.13 2.52
C LEU A 240 14.26 -8.70 3.16
N GLU A 241 15.07 -9.39 2.37
CA GLU A 241 16.32 -9.91 2.91
C GLU A 241 17.35 -10.06 1.79
N GLU A 242 18.61 -9.98 2.20
CA GLU A 242 19.73 -10.04 1.25
C GLU A 242 19.79 -11.41 0.62
N TYR A 243 19.97 -11.45 -0.69
CA TYR A 243 20.01 -12.69 -1.45
C TYR A 243 20.79 -13.81 -0.80
N GLU A 244 22.11 -13.65 -0.67
CA GLU A 244 22.97 -14.66 -0.08
C GLU A 244 22.43 -15.16 1.25
N HIS A 245 22.05 -14.25 2.14
CA HIS A 245 21.49 -14.62 3.44
C HIS A 245 20.29 -15.55 3.23
N ALA A 246 19.40 -15.14 2.34
CA ALA A 246 18.21 -15.88 1.98
C ALA A 246 18.57 -17.20 1.31
N LYS A 247 19.56 -17.19 0.42
CA LYS A 247 20.01 -18.40 -0.26
C LYS A 247 20.46 -19.47 0.73
N LYS A 248 21.42 -19.13 1.59
CA LYS A 248 21.96 -20.03 2.60
C LYS A 248 20.92 -20.66 3.50
N ARG A 249 19.85 -19.95 3.84
CA ARG A 249 18.81 -20.46 4.72
C ARG A 249 17.73 -21.22 3.95
N GLY A 250 17.81 -21.22 2.63
CA GLY A 250 16.81 -21.92 1.82
C GLY A 250 15.43 -21.28 2.02
N ALA A 251 15.32 -20.03 1.59
CA ALA A 251 14.09 -19.28 1.76
C ALA A 251 13.24 -19.29 0.50
N LYS A 252 11.93 -19.37 0.68
CA LYS A 252 10.97 -19.12 -0.38
C LYS A 252 11.29 -17.76 -1.00
N ILE A 253 11.83 -17.68 -2.20
CA ILE A 253 12.10 -16.38 -2.81
C ILE A 253 10.97 -15.98 -3.75
N TYR A 254 10.16 -15.01 -3.33
CA TYR A 254 9.06 -14.55 -4.18
C TYR A 254 9.51 -13.71 -5.36
N ALA A 255 10.49 -12.84 -5.12
CA ALA A 255 10.96 -11.96 -6.19
C ALA A 255 12.19 -11.20 -5.70
N GLU A 256 12.75 -10.39 -6.58
CA GLU A 256 13.89 -9.57 -6.28
C GLU A 256 13.54 -8.08 -6.42
N LEU A 257 13.89 -7.30 -5.41
CA LEU A 257 13.65 -5.85 -5.49
C LEU A 257 14.82 -5.28 -6.28
N VAL A 258 14.59 -4.81 -7.51
CA VAL A 258 15.71 -4.40 -8.34
C VAL A 258 15.73 -2.91 -8.66
N GLY A 259 14.71 -2.16 -8.30
CA GLY A 259 14.72 -0.74 -8.63
C GLY A 259 13.83 0.05 -7.69
N PHE A 260 14.26 1.27 -7.36
CA PHE A 260 13.53 2.15 -6.46
C PHE A 260 13.77 3.61 -6.82
N GLY A 261 12.71 4.31 -7.21
CA GLY A 261 12.82 5.69 -7.62
C GLY A 261 11.92 6.65 -6.85
N MET A 262 12.49 7.79 -6.47
CA MET A 262 11.75 8.83 -5.76
C MET A 262 11.79 10.11 -6.60
N SER A 263 10.79 10.95 -6.45
CA SER A 263 10.72 12.21 -7.16
C SER A 263 9.81 13.20 -6.44
N SER A 264 9.96 14.48 -6.79
CA SER A 264 9.09 15.51 -6.22
C SER A 264 8.41 16.27 -7.37
N ASP A 265 7.19 16.71 -7.13
CA ASP A 265 6.38 17.38 -8.14
C ASP A 265 6.69 18.88 -8.21
N ALA A 266 6.69 19.50 -7.04
CA ALA A 266 6.95 20.94 -6.96
C ALA A 266 5.89 21.70 -7.73
N TYR A 267 4.62 21.33 -7.51
CA TYR A 267 3.51 21.96 -8.19
C TYR A 267 2.42 22.43 -7.26
N HIS A 268 1.67 21.48 -6.71
CA HIS A 268 0.57 21.80 -5.82
C HIS A 268 0.59 20.89 -4.60
N MET A 269 -0.05 21.32 -3.52
CA MET A 269 -0.03 20.59 -2.27
C MET A 269 -0.87 19.33 -2.29
N THR A 270 -1.91 19.28 -3.12
CA THR A 270 -2.76 18.10 -3.19
C THR A 270 -2.91 17.63 -4.63
N SER A 271 -2.91 18.57 -5.55
CA SER A 271 -3.06 18.31 -6.97
C SER A 271 -1.76 17.94 -7.66
N PRO A 272 -1.86 17.00 -8.58
CA PRO A 272 -0.75 16.62 -9.45
C PRO A 272 -0.74 17.52 -10.69
N PRO A 273 0.38 17.59 -11.36
CA PRO A 273 0.50 18.31 -12.61
C PRO A 273 -0.21 17.58 -13.73
N GLU A 274 -0.99 18.25 -14.57
CA GLU A 274 -1.70 17.60 -15.67
C GLU A 274 -0.77 16.71 -16.49
N ASN A 275 0.44 17.15 -16.67
CA ASN A 275 1.58 16.55 -17.27
C ASN A 275 1.93 15.17 -16.75
N GLY A 276 2.05 15.04 -15.41
CA GLY A 276 2.47 13.80 -14.78
C GLY A 276 3.99 13.70 -14.72
N ALA A 277 4.68 14.84 -14.88
CA ALA A 277 6.13 14.91 -14.90
C ALA A 277 6.81 14.32 -13.67
N GLY A 278 6.26 14.56 -12.48
CA GLY A 278 6.83 14.01 -11.24
C GLY A 278 6.68 12.50 -11.27
N ALA A 279 5.49 12.03 -11.61
CA ALA A 279 5.27 10.59 -11.74
C ALA A 279 6.22 10.00 -12.78
N ALA A 280 6.43 10.71 -13.88
CA ALA A 280 7.34 10.30 -14.93
C ALA A 280 8.77 10.16 -14.44
N LEU A 281 9.24 11.15 -13.68
CA LEU A 281 10.63 11.15 -13.23
C LEU A 281 10.93 10.10 -12.17
N ALA A 282 9.90 9.63 -11.48
CA ALA A 282 10.05 8.59 -10.47
C ALA A 282 10.10 7.22 -11.11
N MET A 283 9.35 7.04 -12.21
CA MET A 283 9.43 5.74 -12.91
C MET A 283 10.81 5.69 -13.58
N ALA A 284 11.09 6.77 -14.31
CA ALA A 284 12.35 7.04 -14.94
C ALA A 284 13.53 6.73 -14.03
N ASN A 285 13.54 7.26 -12.82
CA ASN A 285 14.60 7.05 -11.84
C ASN A 285 14.68 5.61 -11.38
N ALA A 286 13.54 4.94 -11.25
CA ALA A 286 13.48 3.55 -10.84
C ALA A 286 14.16 2.69 -11.90
N LEU A 287 13.82 3.04 -13.15
CA LEU A 287 14.38 2.37 -14.31
C LEU A 287 15.89 2.45 -14.30
N ARG A 288 16.42 3.67 -14.13
CA ARG A 288 17.86 3.87 -14.06
C ARG A 288 18.49 3.05 -12.94
N ASP A 289 17.87 3.04 -11.77
CA ASP A 289 18.34 2.31 -10.61
C ASP A 289 18.40 0.82 -10.88
N ALA A 290 17.45 0.30 -11.65
CA ALA A 290 17.41 -1.11 -12.00
C ALA A 290 18.29 -1.39 -13.21
N GLY A 291 18.47 -0.40 -14.08
CA GLY A 291 19.30 -0.52 -15.25
C GLY A 291 18.61 -1.14 -16.44
N ILE A 292 17.27 -1.14 -16.45
CA ILE A 292 16.51 -1.74 -17.54
C ILE A 292 15.78 -0.68 -18.34
N GLU A 293 15.16 -1.08 -19.44
CA GLU A 293 14.41 -0.16 -20.28
C GLU A 293 12.91 -0.33 -20.06
N ALA A 294 12.10 0.67 -20.38
CA ALA A 294 10.65 0.58 -20.16
C ALA A 294 10.06 -0.67 -20.76
N SER A 295 10.47 -1.06 -21.96
CA SER A 295 10.04 -2.21 -22.69
C SER A 295 10.09 -3.54 -21.97
N GLN A 296 10.87 -3.67 -20.90
CA GLN A 296 10.97 -4.93 -20.17
C GLN A 296 9.89 -5.03 -19.10
N ILE A 297 9.21 -3.92 -18.83
CA ILE A 297 8.13 -3.87 -17.86
C ILE A 297 6.87 -4.49 -18.46
N GLY A 298 6.40 -5.57 -17.83
CA GLY A 298 5.20 -6.24 -18.34
C GLY A 298 3.94 -5.59 -17.82
N TYR A 299 3.93 -5.35 -16.51
CA TYR A 299 2.76 -4.82 -15.83
C TYR A 299 3.11 -3.66 -14.90
N VAL A 300 2.29 -2.63 -14.97
CA VAL A 300 2.38 -1.46 -14.11
C VAL A 300 1.17 -1.47 -13.18
N ASN A 301 1.40 -1.69 -11.89
CA ASN A 301 0.33 -1.46 -10.90
C ASN A 301 0.28 0.05 -10.65
N ALA A 302 -0.70 0.69 -11.26
CA ALA A 302 -0.88 2.12 -11.22
C ALA A 302 -1.32 2.69 -9.89
N HIS A 303 -1.11 4.00 -9.76
CA HIS A 303 -1.58 4.68 -8.55
C HIS A 303 -3.12 4.79 -8.69
N GLY A 304 -3.54 5.16 -9.89
CA GLY A 304 -4.89 5.22 -10.36
C GLY A 304 -5.97 5.13 -9.29
N THR A 305 -6.22 6.25 -8.64
CA THR A 305 -7.14 6.36 -7.53
C THR A 305 -8.57 6.69 -7.89
N SER A 306 -8.93 6.77 -9.16
CA SER A 306 -10.27 7.12 -9.61
C SER A 306 -10.61 8.59 -9.40
N THR A 307 -9.60 9.45 -9.56
CA THR A 307 -9.83 10.89 -9.45
C THR A 307 -9.61 11.50 -10.83
N PRO A 308 -10.52 12.36 -11.23
CA PRO A 308 -10.48 12.98 -12.54
C PRO A 308 -9.08 13.43 -12.93
N ALA A 309 -8.54 14.41 -12.21
CA ALA A 309 -7.21 14.93 -12.52
C ALA A 309 -6.10 13.93 -12.31
N GLY A 310 -6.12 13.18 -11.22
CA GLY A 310 -5.10 12.22 -10.88
C GLY A 310 -4.88 11.15 -11.95
N ASP A 311 -5.96 10.52 -12.42
CA ASP A 311 -5.86 9.43 -13.38
C ASP A 311 -5.32 9.91 -14.73
N LYS A 312 -5.71 11.12 -15.13
CA LYS A 312 -5.22 11.73 -16.36
C LYS A 312 -3.70 11.79 -16.36
N ALA A 313 -3.17 12.41 -15.31
CA ALA A 313 -1.75 12.66 -15.14
C ALA A 313 -0.92 11.40 -15.22
N GLU A 314 -1.26 10.37 -14.44
CA GLU A 314 -0.47 9.14 -14.46
C GLU A 314 -0.44 8.49 -15.83
N ALA A 315 -1.61 8.40 -16.45
CA ALA A 315 -1.73 7.88 -17.81
C ALA A 315 -0.71 8.60 -18.71
N GLN A 316 -0.72 9.93 -18.66
CA GLN A 316 0.22 10.70 -19.46
C GLN A 316 1.67 10.35 -19.14
N ALA A 317 1.98 10.26 -17.84
CA ALA A 317 3.32 9.89 -17.43
C ALA A 317 3.73 8.53 -17.97
N VAL A 318 2.78 7.61 -18.13
CA VAL A 318 3.07 6.28 -18.67
C VAL A 318 3.37 6.39 -20.17
N LYS A 319 2.65 7.27 -20.86
CA LYS A 319 2.87 7.49 -22.28
C LYS A 319 4.22 8.13 -22.54
N THR A 320 4.68 8.97 -21.62
CA THR A 320 5.98 9.60 -21.70
C THR A 320 7.10 8.58 -21.50
N ILE A 321 6.93 7.71 -20.52
CA ILE A 321 7.96 6.73 -20.18
C ILE A 321 7.96 5.52 -21.08
N PHE A 322 6.79 4.96 -21.36
CA PHE A 322 6.74 3.76 -22.20
C PHE A 322 6.84 4.10 -23.68
N GLY A 323 6.35 5.28 -24.06
CA GLY A 323 6.43 5.75 -25.42
C GLY A 323 5.73 4.83 -26.41
N GLU A 324 6.53 4.10 -27.20
CA GLU A 324 6.00 3.20 -28.22
C GLU A 324 5.51 1.90 -27.61
N ALA A 325 6.10 1.49 -26.50
CA ALA A 325 5.72 0.27 -25.81
C ALA A 325 4.53 0.49 -24.88
N ALA A 326 3.98 1.69 -24.87
CA ALA A 326 2.84 2.07 -24.10
C ALA A 326 1.59 1.26 -24.42
N SER A 327 1.49 0.75 -25.64
CA SER A 327 0.35 -0.07 -26.05
C SER A 327 0.54 -1.53 -25.68
N ARG A 328 1.80 -1.96 -25.55
CA ARG A 328 2.08 -3.35 -25.21
C ARG A 328 2.15 -3.56 -23.70
N VAL A 329 2.25 -2.49 -22.92
CA VAL A 329 2.35 -2.63 -21.48
C VAL A 329 0.98 -2.68 -20.82
N LEU A 330 0.85 -3.54 -19.80
CA LEU A 330 -0.38 -3.69 -19.05
C LEU A 330 -0.38 -2.78 -17.82
N VAL A 331 -1.42 -1.96 -17.71
CA VAL A 331 -1.59 -1.04 -16.61
C VAL A 331 -2.95 -1.22 -15.95
N SER A 332 -3.02 -1.79 -14.75
CA SER A 332 -4.33 -1.87 -14.08
C SER A 332 -4.29 -1.16 -12.73
N SER A 333 -5.47 -0.90 -12.17
CA SER A 333 -5.60 -0.38 -10.83
C SER A 333 -6.47 -1.31 -9.99
N THR A 334 -5.87 -1.93 -8.98
CA THR A 334 -6.62 -2.78 -8.07
C THR A 334 -7.46 -2.01 -7.07
N LYS A 335 -7.42 -0.69 -7.09
CA LYS A 335 -8.15 0.21 -6.24
C LYS A 335 -9.62 0.30 -6.67
N SER A 336 -9.90 -0.22 -7.86
CA SER A 336 -11.25 -0.37 -8.36
C SER A 336 -12.04 -1.33 -7.47
N MET A 337 -11.35 -2.32 -6.92
CA MET A 337 -11.96 -3.31 -6.05
C MET A 337 -11.77 -2.99 -4.57
N THR A 338 -10.56 -2.70 -4.22
CA THR A 338 -9.98 -2.62 -2.89
C THR A 338 -10.20 -1.25 -2.26
N GLY A 339 -10.12 -0.20 -3.08
CA GLY A 339 -10.27 1.17 -2.57
C GLY A 339 -8.86 1.70 -2.31
N HIS A 340 -8.71 2.94 -1.91
CA HIS A 340 -7.40 3.52 -1.64
C HIS A 340 -6.95 3.25 -0.21
N LEU A 341 -5.90 2.47 0.01
CA LEU A 341 -5.41 2.22 1.37
C LEU A 341 -4.45 3.28 1.89
N LEU A 342 -4.41 4.47 1.30
CA LEU A 342 -3.55 5.55 1.79
C LEU A 342 -2.14 5.11 2.13
N GLY A 343 -1.77 5.08 3.41
CA GLY A 343 -0.44 4.71 3.81
C GLY A 343 -0.10 3.26 3.51
N ALA A 344 -1.10 2.40 3.35
CA ALA A 344 -0.91 0.99 3.09
C ALA A 344 -0.96 0.66 1.61
N ALA A 345 -1.55 1.54 0.83
CA ALA A 345 -1.70 1.34 -0.61
C ALA A 345 -0.45 0.80 -1.28
N GLY A 346 0.70 1.45 -1.20
CA GLY A 346 1.94 1.02 -1.79
C GLY A 346 2.44 -0.34 -1.29
N ALA A 347 2.12 -0.72 -0.06
CA ALA A 347 2.51 -2.00 0.48
C ALA A 347 1.71 -3.15 -0.14
N VAL A 348 0.38 -3.07 -0.05
CA VAL A 348 -0.43 -4.15 -0.63
C VAL A 348 -0.15 -4.26 -2.12
N GLU A 349 -0.12 -3.15 -2.84
CA GLU A 349 0.15 -3.13 -4.28
C GLU A 349 1.50 -3.66 -4.68
N SER A 350 2.50 -3.66 -3.80
CA SER A 350 3.77 -4.29 -4.02
C SER A 350 3.60 -5.81 -4.01
N ILE A 351 2.69 -6.29 -3.15
CA ILE A 351 2.39 -7.71 -3.07
C ILE A 351 1.67 -8.16 -4.34
N TYR A 352 0.74 -7.34 -4.83
CA TYR A 352 0.03 -7.66 -6.06
C TYR A 352 0.97 -7.69 -7.26
N SER A 353 1.96 -6.82 -7.31
CA SER A 353 2.94 -6.83 -8.40
C SER A 353 3.90 -8.01 -8.27
N ILE A 354 4.12 -8.48 -7.06
CA ILE A 354 4.99 -9.63 -6.84
C ILE A 354 4.26 -10.92 -7.21
N LEU A 355 3.00 -11.05 -6.80
CA LEU A 355 2.21 -12.26 -7.09
C LEU A 355 1.95 -12.41 -8.58
N ALA A 356 1.76 -11.29 -9.26
CA ALA A 356 1.57 -11.27 -10.71
C ALA A 356 2.74 -11.96 -11.39
N LEU A 357 3.96 -11.76 -10.87
CA LEU A 357 5.14 -12.43 -11.40
C LEU A 357 5.03 -13.94 -11.18
N ARG A 358 4.62 -14.34 -9.98
CA ARG A 358 4.48 -15.73 -9.63
C ARG A 358 3.50 -16.48 -10.54
N ASP A 359 2.34 -15.90 -10.75
CA ASP A 359 1.21 -16.53 -11.41
C ASP A 359 1.00 -16.12 -12.84
N GLN A 360 1.74 -15.10 -13.29
CA GLN A 360 1.57 -14.57 -14.64
C GLN A 360 0.09 -14.32 -14.92
N ALA A 361 -0.59 -13.70 -13.96
CA ALA A 361 -1.97 -13.24 -14.10
C ALA A 361 -2.05 -11.78 -13.64
N VAL A 362 -2.73 -10.93 -14.40
CA VAL A 362 -2.78 -9.51 -14.07
C VAL A 362 -4.18 -9.08 -13.67
N PRO A 363 -4.33 -8.69 -12.39
CA PRO A 363 -5.59 -8.26 -11.82
C PRO A 363 -6.19 -7.16 -12.66
N PRO A 364 -7.51 -7.14 -12.78
CA PRO A 364 -8.19 -6.17 -13.61
C PRO A 364 -8.48 -4.83 -12.94
N THR A 365 -8.93 -3.90 -13.78
CA THR A 365 -9.42 -2.60 -13.39
C THR A 365 -10.95 -2.63 -13.56
N ILE A 366 -11.68 -3.11 -12.57
CA ILE A 366 -13.13 -3.25 -12.76
C ILE A 366 -13.79 -1.88 -12.82
N ASN A 367 -15.02 -1.85 -13.33
CA ASN A 367 -15.84 -0.67 -13.45
C ASN A 367 -15.46 0.29 -14.56
N LEU A 368 -14.53 -0.08 -15.42
CA LEU A 368 -14.05 0.78 -16.50
C LEU A 368 -14.94 0.62 -17.73
N ASP A 369 -16.19 1.10 -17.61
CA ASP A 369 -17.19 0.94 -18.64
C ASP A 369 -16.89 1.80 -19.86
N ASN A 370 -16.48 3.05 -19.65
CA ASN A 370 -16.17 3.95 -20.75
C ASN A 370 -14.95 4.81 -20.49
N PRO A 371 -13.78 4.41 -20.97
CA PRO A 371 -12.56 5.18 -20.80
C PRO A 371 -12.79 6.63 -21.19
N ASP A 372 -12.12 7.60 -20.55
CA ASP A 372 -12.37 8.99 -20.99
C ASP A 372 -11.52 9.26 -22.23
N GLU A 373 -11.82 10.35 -22.90
CA GLU A 373 -11.30 10.75 -24.18
C GLU A 373 -9.96 10.20 -24.62
N GLY A 374 -8.84 10.61 -24.03
CA GLY A 374 -7.54 10.28 -24.57
C GLY A 374 -6.79 9.14 -23.93
N CYS A 375 -7.46 8.22 -23.24
CA CYS A 375 -6.77 7.11 -22.59
C CYS A 375 -6.81 5.86 -23.46
N ASP A 376 -5.76 5.69 -24.28
CA ASP A 376 -5.65 4.60 -25.22
C ASP A 376 -4.84 3.42 -24.72
N LEU A 377 -4.48 3.40 -23.43
CA LEU A 377 -3.62 2.34 -22.91
C LEU A 377 -4.42 1.09 -22.54
N ASP A 378 -3.74 -0.05 -22.51
CA ASP A 378 -4.38 -1.30 -22.10
C ASP A 378 -4.50 -1.33 -20.57
N PHE A 379 -5.68 -0.95 -20.08
CA PHE A 379 -5.94 -0.80 -18.67
C PHE A 379 -6.47 -2.08 -18.02
N VAL A 380 -6.32 -3.20 -18.70
CA VAL A 380 -6.82 -4.50 -18.26
C VAL A 380 -8.27 -4.31 -17.78
N PRO A 381 -9.15 -4.00 -18.74
CA PRO A 381 -10.47 -3.50 -18.48
C PRO A 381 -11.39 -4.27 -17.59
N HIS A 382 -11.74 -5.54 -17.73
CA HIS A 382 -12.74 -6.07 -16.79
C HIS A 382 -12.38 -7.36 -16.11
N GLU A 383 -11.69 -8.24 -16.83
CA GLU A 383 -11.33 -9.55 -16.30
C GLU A 383 -9.82 -9.72 -16.24
N ALA A 384 -9.35 -10.51 -15.28
CA ALA A 384 -7.92 -10.78 -15.15
C ALA A 384 -7.36 -11.24 -16.51
N ARG A 385 -6.16 -10.78 -16.83
CA ARG A 385 -5.51 -11.15 -18.07
C ARG A 385 -4.40 -12.18 -17.81
N GLN A 386 -4.37 -13.21 -18.62
CA GLN A 386 -3.30 -14.21 -18.55
C GLN A 386 -2.12 -13.70 -19.37
N VAL A 387 -0.89 -13.90 -18.90
CA VAL A 387 0.30 -13.45 -19.61
C VAL A 387 1.35 -14.55 -19.63
N SER A 388 2.38 -14.35 -20.45
CA SER A 388 3.48 -15.31 -20.54
C SER A 388 4.82 -14.56 -20.60
N GLY A 389 5.86 -15.10 -19.98
CA GLY A 389 7.17 -14.50 -20.00
C GLY A 389 7.32 -13.11 -19.45
N MET A 390 6.59 -12.77 -18.39
CA MET A 390 6.70 -11.44 -17.78
C MET A 390 7.79 -11.47 -16.72
N GLU A 391 8.88 -10.74 -16.93
CA GLU A 391 10.00 -10.77 -15.98
C GLU A 391 9.94 -9.68 -14.92
N TYR A 392 9.52 -8.47 -15.29
CA TYR A 392 9.46 -7.35 -14.39
C TYR A 392 8.08 -6.71 -14.31
N THR A 393 7.77 -6.16 -13.13
CA THR A 393 6.64 -5.28 -12.94
C THR A 393 7.02 -4.01 -12.18
N LEU A 394 6.37 -2.92 -12.52
CA LEU A 394 6.56 -1.62 -11.89
C LEU A 394 5.37 -1.30 -10.99
N CYS A 395 5.65 -0.63 -9.87
CA CYS A 395 4.58 -0.29 -8.93
C CYS A 395 4.59 1.17 -8.52
N ASN A 396 3.53 1.91 -8.81
CA ASN A 396 3.44 3.32 -8.48
C ASN A 396 2.60 3.70 -7.28
N SER A 397 2.90 4.85 -6.69
CA SER A 397 2.21 5.43 -5.56
C SER A 397 2.54 6.92 -5.53
N PHE A 398 1.55 7.80 -5.54
CA PHE A 398 1.86 9.25 -5.51
C PHE A 398 1.19 9.85 -4.29
N GLY A 399 1.58 11.02 -3.79
CA GLY A 399 0.97 11.56 -2.59
C GLY A 399 1.02 13.06 -2.41
N PHE A 400 0.14 13.55 -1.54
CA PHE A 400 -0.01 14.94 -1.16
C PHE A 400 1.38 15.52 -0.87
N GLY A 401 1.67 16.66 -1.51
CA GLY A 401 2.98 17.29 -1.36
C GLY A 401 3.84 16.91 -2.57
N GLY A 402 3.22 16.30 -3.58
CA GLY A 402 3.91 15.83 -4.76
C GLY A 402 5.05 14.87 -4.47
N THR A 403 4.92 14.02 -3.45
CA THR A 403 5.97 13.04 -3.12
C THR A 403 5.70 11.75 -3.88
N ASN A 404 6.60 11.38 -4.78
CA ASN A 404 6.43 10.23 -5.65
C ASN A 404 7.46 9.13 -5.42
N GLY A 405 7.02 7.90 -5.74
CA GLY A 405 7.87 6.74 -5.59
C GLY A 405 7.44 5.59 -6.49
N SER A 406 8.40 4.76 -6.86
CA SER A 406 8.16 3.62 -7.71
C SER A 406 9.08 2.46 -7.32
N LEU A 407 8.56 1.24 -7.42
CA LEU A 407 9.35 0.06 -7.15
C LEU A 407 9.29 -0.91 -8.33
N ILE A 408 10.43 -1.49 -8.70
CA ILE A 408 10.48 -2.45 -9.81
C ILE A 408 10.81 -3.83 -9.26
N PHE A 409 9.98 -4.80 -9.62
CA PHE A 409 10.19 -6.16 -9.14
C PHE A 409 10.63 -7.04 -10.29
N LYS A 410 11.35 -8.10 -9.99
CA LYS A 410 11.85 -9.00 -11.03
C LYS A 410 11.63 -10.46 -10.62
N LYS A 411 11.22 -11.25 -11.61
CA LYS A 411 10.98 -12.67 -11.39
C LYS A 411 12.33 -13.39 -11.28
N ILE A 412 12.45 -14.29 -10.31
CA ILE A 412 13.70 -15.00 -10.11
C ILE A 412 13.55 -16.48 -10.42
C1 CER B . -3.24 10.42 -2.37
N1 CER B . -3.52 11.77 -2.86
O1 CER B . -3.89 12.40 1.78
C2 CER B . -3.22 10.16 -0.83
O2 CER B . -3.01 9.49 -3.15
C3 CER B . -2.86 11.52 -0.19
O3 CER B . -1.47 11.79 -0.43
C4 CER B . -3.15 11.54 1.30
C5 CER B . -2.53 10.54 2.28
C6 CER B . -2.55 11.18 3.68
C7 CER B . -3.66 10.52 4.47
C8 CER B . -3.43 9.84 5.59
C9 CER B . -4.69 9.24 6.25
C10 CER B . -5.49 10.41 6.84
C11 CER B . -6.81 10.43 6.67
C12 CER B . -7.62 11.59 7.28
#